data_4K5B
#
_entry.id   4K5B
#
_cell.length_a   49.300
_cell.length_b   93.600
_cell.length_c   72.300
_cell.angle_alpha   90.000
_cell.angle_beta   106.800
_cell.angle_gamma   90.000
#
_symmetry.space_group_name_H-M   'P 1 21 1'
#
loop_
_entity.id
_entity.type
_entity.pdbx_description
1 polymer 'Apoptosis regulator BCL-W'
2 polymer 'Bcl-2-like protein 2'
3 water water
#
loop_
_entity_poly.entity_id
_entity_poly.type
_entity_poly.pdbx_seq_one_letter_code
_entity_poly.pdbx_strand_id
1 'polypeptide(L)'
;MRGSHHHHHHGSDLGKKLLEAARAGQDDEVRILMANGADVNAKDRFGWTPLHLAAMEGHLEIVEVLLKTGADVNAWADLG
TTPLHLAAMKGHLEIVEVLLKAGADVNAEAIVGYTPLHLAAWEGHLEIVEVLLKHGADVNAQDKFGKTPFDLAIDNGNED
IAEVLQKAA
;
A,B
2 'polypeptide(L)'
;MRGSHHHHHHGSATPASAPDTRALVADFVGYKLRQKGYVCGAGPGEGPAADPLHQAMRAAGDEFETRFRRTFSDLAAQLH
VTPGSAQQRFTQVSDELFQGGPNWGRLVAFFVFGAALCAESVNKEMEVLVGQVQEWMVAYLETRLADWIHSSGGWAEFTA
LYGDGALEEARRLREGNWASVREA
;
C,D
#
# COMPACT_ATOMS: atom_id res chain seq x y z
N ASP A 13 23.83 -6.50 0.86
CA ASP A 13 22.70 -6.54 1.78
C ASP A 13 22.58 -5.24 2.61
N LEU A 14 22.74 -4.12 1.94
CA LEU A 14 22.63 -2.80 2.56
C LEU A 14 21.27 -2.60 3.23
N GLY A 15 20.24 -3.16 2.61
CA GLY A 15 18.88 -3.04 3.12
C GLY A 15 18.74 -3.65 4.50
N LYS A 16 19.29 -4.85 4.68
CA LYS A 16 19.28 -5.51 5.98
C LYS A 16 20.05 -4.67 7.01
N LYS A 17 21.18 -4.11 6.58
CA LYS A 17 21.98 -3.29 7.46
C LYS A 17 21.25 -2.01 7.83
N LEU A 18 20.50 -1.44 6.89
CA LEU A 18 19.75 -0.22 7.21
C LEU A 18 18.62 -0.52 8.23
N LEU A 19 17.94 -1.63 8.01
CA LEU A 19 16.91 -2.07 8.95
C LEU A 19 17.48 -2.19 10.37
N GLU A 20 18.63 -2.87 10.48
CA GLU A 20 19.25 -3.08 11.78
C GLU A 20 19.66 -1.77 12.44
N ALA A 21 20.27 -0.87 11.67
CA ALA A 21 20.75 0.40 12.21
C ALA A 21 19.59 1.31 12.61
N ALA A 22 18.51 1.25 11.85
CA ALA A 22 17.33 2.07 12.15
C ALA A 22 16.72 1.64 13.48
N ARG A 23 16.68 0.34 13.70
CA ARG A 23 16.08 -0.17 14.92
C ARG A 23 16.95 0.14 16.14
N ALA A 24 18.25 0.02 15.95
CA ALA A 24 19.22 0.22 17.02
C ALA A 24 19.47 1.71 17.31
N GLY A 25 18.91 2.56 16.47
CA GLY A 25 19.05 3.99 16.66
C GLY A 25 20.46 4.49 16.40
N GLN A 26 21.13 3.94 15.38
CA GLN A 26 22.50 4.39 15.16
C GLN A 26 22.47 5.38 14.03
N ASP A 27 22.58 6.65 14.41
CA ASP A 27 22.31 7.78 13.55
C ASP A 27 23.35 7.87 12.45
N ASP A 28 24.62 7.77 12.85
CA ASP A 28 25.75 7.86 11.92
C ASP A 28 25.71 6.72 10.90
N GLU A 29 25.44 5.51 11.39
CA GLU A 29 25.40 4.35 10.50
C GLU A 29 24.30 4.50 9.47
N VAL A 30 23.13 4.95 9.91
CA VAL A 30 22.05 5.21 8.97
C VAL A 30 22.45 6.18 7.85
N ARG A 31 23.08 7.30 8.19
CA ARG A 31 23.48 8.25 7.14
C ARG A 31 24.48 7.66 6.13
N ILE A 32 25.43 6.87 6.62
CA ILE A 32 26.43 6.26 5.73
C ILE A 32 25.75 5.28 4.76
N LEU A 33 24.86 4.45 5.30
CA LEU A 33 24.17 3.47 4.48
C LEU A 33 23.36 4.15 3.41
N MET A 34 22.63 5.20 3.78
CA MET A 34 21.82 5.94 2.81
CA MET A 34 21.82 5.96 2.82
C MET A 34 22.70 6.57 1.75
N ALA A 35 23.84 7.11 2.17
CA ALA A 35 24.75 7.78 1.23
C ALA A 35 25.37 6.75 0.28
N ASN A 36 25.42 5.50 0.72
CA ASN A 36 25.92 4.38 -0.08
C ASN A 36 24.88 3.64 -0.91
N GLY A 37 23.66 4.17 -0.94
CA GLY A 37 22.61 3.63 -1.80
C GLY A 37 21.69 2.55 -1.21
N ALA A 38 21.65 2.41 0.11
CA ALA A 38 20.72 1.47 0.74
C ALA A 38 19.29 1.85 0.38
N ASP A 39 18.43 0.85 0.20
CA ASP A 39 17.05 1.12 -0.20
C ASP A 39 16.31 1.58 1.05
N VAL A 40 15.83 2.82 1.03
CA VAL A 40 15.25 3.44 2.21
C VAL A 40 13.96 2.73 2.61
N ASN A 41 13.33 2.08 1.61
CA ASN A 41 12.10 1.28 1.71
C ASN A 41 12.25 -0.23 1.87
N ALA A 42 13.46 -0.72 2.12
CA ALA A 42 13.70 -2.15 2.30
C ALA A 42 12.73 -2.76 3.31
N LYS A 43 12.25 -3.96 3.03
CA LYS A 43 11.28 -4.61 3.91
C LYS A 43 11.86 -5.87 4.55
N ASP A 44 11.58 -6.08 5.83
CA ASP A 44 12.00 -7.31 6.48
C ASP A 44 10.92 -8.39 6.28
N ARG A 45 11.10 -9.54 6.93
CA ARG A 45 10.23 -10.69 6.69
C ARG A 45 8.83 -10.53 7.31
N PHE A 46 8.65 -9.49 8.11
CA PHE A 46 7.32 -9.08 8.58
C PHE A 46 6.69 -7.90 7.82
N GLY A 47 7.41 -7.39 6.82
CA GLY A 47 6.96 -6.26 6.00
C GLY A 47 7.33 -4.89 6.58
N TRP A 48 8.14 -4.88 7.64
CA TRP A 48 8.54 -3.62 8.28
C TRP A 48 9.68 -2.93 7.52
N THR A 49 9.62 -1.61 7.42
CA THR A 49 10.67 -0.85 6.78
C THR A 49 11.52 -0.21 7.88
N PRO A 50 12.64 0.47 7.49
CA PRO A 50 13.41 1.22 8.50
C PRO A 50 12.57 2.27 9.23
N LEU A 51 11.64 2.90 8.53
CA LEU A 51 10.77 3.88 9.16
C LEU A 51 9.88 3.26 10.24
N HIS A 52 9.35 2.07 9.98
CA HIS A 52 8.53 1.37 11.00
C HIS A 52 9.35 1.13 12.26
N LEU A 53 10.57 0.65 12.06
CA LEU A 53 11.43 0.31 13.19
C LEU A 53 11.85 1.54 14.00
N ALA A 54 12.29 2.59 13.31
CA ALA A 54 12.64 3.84 14.00
C ALA A 54 11.45 4.49 14.70
N ALA A 55 10.27 4.42 14.08
CA ALA A 55 9.07 5.00 14.71
C ALA A 55 8.69 4.22 15.97
N MET A 56 8.77 2.90 15.91
CA MET A 56 8.39 2.08 17.04
C MET A 56 9.42 2.24 18.17
N GLU A 57 10.71 2.31 17.82
CA GLU A 57 11.74 2.42 18.85
C GLU A 57 11.91 3.85 19.37
N GLY A 58 11.24 4.79 18.71
CA GLY A 58 11.30 6.16 19.15
C GLY A 58 12.56 6.94 18.75
N HIS A 59 13.22 6.57 17.66
CA HIS A 59 14.40 7.34 17.28
C HIS A 59 14.05 8.45 16.30
N LEU A 60 13.99 9.67 16.80
CA LEU A 60 13.39 10.77 16.07
C LEU A 60 14.30 11.24 14.93
N GLU A 61 15.58 11.39 15.24
CA GLU A 61 16.55 11.82 14.25
C GLU A 61 16.56 10.89 13.03
N ILE A 62 16.54 9.59 13.28
CA ILE A 62 16.50 8.61 12.18
C ILE A 62 15.20 8.70 11.38
N VAL A 63 14.07 8.82 12.07
CA VAL A 63 12.80 9.08 11.37
C VAL A 63 12.91 10.28 10.41
N GLU A 64 13.49 11.39 10.89
CA GLU A 64 13.63 12.58 10.05
C GLU A 64 14.59 12.37 8.88
N VAL A 65 15.68 11.67 9.12
CA VAL A 65 16.63 11.42 8.03
C VAL A 65 15.99 10.51 6.96
N LEU A 66 15.29 9.48 7.41
CA LEU A 66 14.63 8.54 6.48
C LEU A 66 13.62 9.26 5.61
N LEU A 67 12.82 10.13 6.21
CA LEU A 67 11.83 10.90 5.46
C LEU A 67 12.47 11.84 4.46
N LYS A 68 13.54 12.52 4.88
CA LYS A 68 14.24 13.44 3.98
C LYS A 68 14.86 12.71 2.78
N THR A 69 15.23 11.46 2.98
CA THR A 69 15.84 10.62 1.95
C THR A 69 14.85 9.76 1.16
N GLY A 70 13.55 10.00 1.34
CA GLY A 70 12.56 9.38 0.50
C GLY A 70 11.74 8.23 1.06
N ALA A 71 11.85 7.98 2.37
CA ALA A 71 11.08 6.90 2.98
C ALA A 71 9.61 7.13 2.74
N ASP A 72 8.87 6.04 2.58
CA ASP A 72 7.45 6.12 2.25
C ASP A 72 6.76 6.22 3.58
N VAL A 73 6.17 7.37 3.86
CA VAL A 73 5.63 7.62 5.18
C VAL A 73 4.43 6.70 5.46
N ASN A 74 3.75 6.30 4.40
CA ASN A 74 2.55 5.45 4.46
C ASN A 74 2.75 3.94 4.22
N ALA A 75 4.01 3.51 4.14
CA ALA A 75 4.30 2.09 3.94
C ALA A 75 3.56 1.22 4.97
N TRP A 76 3.05 0.08 4.54
CA TRP A 76 2.33 -0.80 5.45
C TRP A 76 3.02 -2.16 5.55
N ALA A 77 2.97 -2.75 6.73
CA ALA A 77 3.58 -4.03 6.96
C ALA A 77 2.56 -5.14 6.72
N ASP A 78 2.89 -6.37 7.10
CA ASP A 78 2.06 -7.53 6.78
C ASP A 78 0.58 -7.46 7.19
N LEU A 79 0.30 -6.86 8.36
CA LEU A 79 -1.06 -6.67 8.86
C LEU A 79 -1.65 -5.28 8.56
N GLY A 80 -0.91 -4.46 7.82
CA GLY A 80 -1.38 -3.15 7.43
C GLY A 80 -0.80 -2.06 8.31
N THR A 81 0.04 -2.46 9.27
CA THR A 81 0.62 -1.52 10.23
C THR A 81 1.51 -0.46 9.56
N THR A 82 1.29 0.80 9.90
CA THR A 82 2.06 1.90 9.32
C THR A 82 2.89 2.53 10.42
N PRO A 83 3.94 3.26 10.04
CA PRO A 83 4.78 3.94 11.05
C PRO A 83 3.96 4.78 12.04
N LEU A 84 2.90 5.45 11.57
CA LEU A 84 2.06 6.24 12.48
C LEU A 84 1.30 5.37 13.53
N HIS A 85 0.85 4.18 13.15
CA HIS A 85 0.27 3.25 14.13
C HIS A 85 1.26 2.99 15.26
N LEU A 86 2.52 2.74 14.89
CA LEU A 86 3.53 2.36 15.86
C LEU A 86 3.91 3.54 16.76
N ALA A 87 4.08 4.71 16.17
CA ALA A 87 4.39 5.91 16.96
C ALA A 87 3.24 6.24 17.91
N ALA A 88 2.01 6.11 17.43
CA ALA A 88 0.84 6.39 18.26
C ALA A 88 0.72 5.41 19.40
N MET A 89 0.91 4.12 19.09
CA MET A 89 0.80 3.06 20.09
C MET A 89 1.84 3.19 21.21
N LYS A 90 3.08 3.51 20.82
CA LYS A 90 4.19 3.62 21.75
C LYS A 90 4.22 4.97 22.47
N GLY A 91 3.45 5.93 21.96
CA GLY A 91 3.37 7.21 22.62
C GLY A 91 4.50 8.17 22.28
N HIS A 92 5.06 8.08 21.07
CA HIS A 92 6.11 9.01 20.74
C HIS A 92 5.48 10.20 20.04
N LEU A 93 5.38 11.29 20.78
CA LEU A 93 4.59 12.44 20.34
C LEU A 93 5.31 13.22 19.24
N GLU A 94 6.60 13.47 19.41
CA GLU A 94 7.35 14.20 18.38
C GLU A 94 7.40 13.45 17.06
N ILE A 95 7.54 12.13 17.14
CA ILE A 95 7.52 11.32 15.92
C ILE A 95 6.14 11.35 15.25
N VAL A 96 5.08 11.27 16.05
CA VAL A 96 3.74 11.43 15.51
C VAL A 96 3.62 12.75 14.71
N GLU A 97 4.12 13.84 15.27
CA GLU A 97 4.03 15.14 14.61
C GLU A 97 4.80 15.16 13.29
N VAL A 98 6.00 14.61 13.33
CA VAL A 98 6.88 14.59 12.16
C VAL A 98 6.24 13.76 11.06
N LEU A 99 5.67 12.62 11.45
CA LEU A 99 5.03 11.76 10.47
C LEU A 99 3.80 12.44 9.84
N LEU A 100 2.99 13.09 10.66
CA LEU A 100 1.80 13.78 10.14
C LEU A 100 2.22 14.91 9.18
N LYS A 101 3.25 15.65 9.56
CA LYS A 101 3.75 16.74 8.69
C LYS A 101 4.20 16.20 7.33
N ALA A 102 4.75 14.98 7.34
CA ALA A 102 5.26 14.32 6.13
C ALA A 102 4.18 13.61 5.32
N GLY A 103 2.93 13.70 5.74
CA GLY A 103 1.84 13.10 4.99
C GLY A 103 1.25 11.80 5.49
N ALA A 104 1.58 11.43 6.74
CA ALA A 104 1.08 10.17 7.30
C ALA A 104 -0.45 10.15 7.31
N ASP A 105 -1.01 8.96 7.06
CA ASP A 105 -2.46 8.82 6.94
C ASP A 105 -3.04 8.54 8.32
N VAL A 106 -3.81 9.51 8.80
CA VAL A 106 -4.37 9.46 10.15
CA VAL A 106 -4.35 9.46 10.15
C VAL A 106 -5.38 8.33 10.33
N ASN A 107 -6.00 7.95 9.23
CA ASN A 107 -7.03 6.92 9.18
C ASN A 107 -6.65 5.50 8.74
N ALA A 108 -5.37 5.23 8.57
CA ALA A 108 -4.90 3.91 8.12
C ALA A 108 -5.42 2.82 9.05
N GLU A 109 -5.70 1.63 8.51
CA GLU A 109 -6.27 0.55 9.31
C GLU A 109 -5.30 -0.62 9.40
N ALA A 110 -5.19 -1.26 10.57
CA ALA A 110 -4.25 -2.37 10.68
C ALA A 110 -4.75 -3.50 11.60
N ILE A 111 -4.22 -4.71 11.41
CA ILE A 111 -4.60 -5.83 12.28
C ILE A 111 -6.08 -6.19 12.16
N VAL A 112 -6.84 -5.76 13.13
CA VAL A 112 -8.30 -5.86 13.16
C VAL A 112 -9.14 -4.65 12.71
N GLY A 113 -8.54 -3.68 12.01
CA GLY A 113 -9.25 -2.46 11.68
C GLY A 113 -8.96 -1.37 12.70
N TYR A 114 -7.82 -1.50 13.37
CA TYR A 114 -7.38 -0.46 14.27
C TYR A 114 -6.86 0.71 13.49
N THR A 115 -7.14 1.87 14.01
CA THR A 115 -6.76 3.13 13.42
C THR A 115 -5.74 3.66 14.44
N PRO A 116 -4.82 4.58 14.05
CA PRO A 116 -3.89 5.07 15.08
C PRO A 116 -4.60 5.68 16.28
N LEU A 117 -5.77 6.28 16.05
CA LEU A 117 -6.55 6.82 17.15
C LEU A 117 -7.03 5.70 18.11
N HIS A 118 -7.38 4.52 17.58
CA HIS A 118 -7.72 3.37 18.45
C HIS A 118 -6.54 3.05 19.37
N LEU A 119 -5.35 3.00 18.81
CA LEU A 119 -4.18 2.56 19.57
C LEU A 119 -3.76 3.59 20.62
N ALA A 120 -3.76 4.87 20.26
CA ALA A 120 -3.45 5.94 21.23
C ALA A 120 -4.48 5.95 22.36
N ALA A 121 -5.75 5.71 22.02
CA ALA A 121 -6.83 5.76 23.03
C ALA A 121 -6.71 4.61 24.02
N TRP A 122 -6.44 3.42 23.51
CA TRP A 122 -6.26 2.25 24.37
C TRP A 122 -5.03 2.39 25.26
N GLU A 123 -3.94 2.92 24.71
CA GLU A 123 -2.69 3.02 25.44
C GLU A 123 -2.64 4.25 26.34
N GLY A 124 -3.69 5.06 26.28
CA GLY A 124 -3.81 6.19 27.18
C GLY A 124 -2.91 7.38 26.87
N HIS A 125 -2.65 7.67 25.61
CA HIS A 125 -1.82 8.84 25.34
C HIS A 125 -2.73 10.00 24.90
N LEU A 126 -2.97 10.93 25.81
CA LEU A 126 -4.03 11.92 25.60
C LEU A 126 -3.62 12.97 24.56
N GLU A 127 -2.43 13.51 24.71
CA GLU A 127 -1.98 14.54 23.78
C GLU A 127 -1.96 13.98 22.35
N ILE A 128 -1.53 12.73 22.17
CA ILE A 128 -1.51 12.14 20.82
C ILE A 128 -2.93 11.98 20.27
N VAL A 129 -3.85 11.54 21.13
CA VAL A 129 -5.25 11.50 20.72
C VAL A 129 -5.70 12.86 20.19
N GLU A 130 -5.35 13.92 20.92
CA GLU A 130 -5.77 15.25 20.48
C GLU A 130 -5.13 15.69 19.16
N VAL A 131 -3.86 15.39 19.01
CA VAL A 131 -3.16 15.73 17.77
C VAL A 131 -3.78 15.00 16.59
N LEU A 132 -4.05 13.70 16.77
CA LEU A 132 -4.70 12.91 15.73
C LEU A 132 -6.08 13.47 15.36
N LEU A 133 -6.86 13.85 16.36
CA LEU A 133 -8.15 14.50 16.13
C LEU A 133 -8.02 15.80 15.31
N LYS A 134 -7.05 16.64 15.65
CA LYS A 134 -6.85 17.91 14.95
C LYS A 134 -6.41 17.71 13.50
N HIS A 135 -5.79 16.56 13.24
CA HIS A 135 -5.39 16.16 11.89
C HIS A 135 -6.42 15.32 11.11
N GLY A 136 -7.63 15.17 11.64
CA GLY A 136 -8.70 14.57 10.87
C GLY A 136 -9.07 13.12 11.20
N ALA A 137 -8.50 12.60 12.29
CA ALA A 137 -8.79 11.22 12.70
C ALA A 137 -10.29 11.02 12.84
N ASP A 138 -10.80 9.85 12.45
CA ASP A 138 -12.25 9.64 12.43
C ASP A 138 -12.64 9.12 13.82
N VAL A 139 -13.34 9.96 14.57
CA VAL A 139 -13.67 9.63 15.96
CA VAL A 139 -13.71 9.65 15.96
C VAL A 139 -14.58 8.41 16.02
N ASN A 140 -15.40 8.23 14.98
CA ASN A 140 -16.39 7.18 14.97
C ASN A 140 -15.92 5.89 14.33
N ALA A 141 -14.65 5.81 13.94
CA ALA A 141 -14.10 4.61 13.30
C ALA A 141 -14.32 3.36 14.16
N GLN A 142 -14.79 2.30 13.54
CA GLN A 142 -15.01 1.04 14.25
C GLN A 142 -14.02 0.00 13.81
N ASP A 143 -13.44 -0.73 14.76
CA ASP A 143 -12.63 -1.90 14.38
C ASP A 143 -13.55 -3.05 13.99
N LYS A 144 -12.99 -4.22 13.68
CA LYS A 144 -13.79 -5.30 13.09
C LYS A 144 -14.87 -5.77 14.06
N PHE A 145 -14.65 -5.53 15.34
CA PHE A 145 -15.56 -5.96 16.41
C PHE A 145 -16.58 -4.92 16.89
N GLY A 146 -16.62 -3.78 16.21
CA GLY A 146 -17.57 -2.73 16.52
C GLY A 146 -17.05 -1.66 17.45
N LYS A 147 -15.83 -1.81 17.97
CA LYS A 147 -15.35 -0.88 18.98
C LYS A 147 -14.78 0.39 18.36
N THR A 148 -15.17 1.53 18.94
CA THR A 148 -14.59 2.80 18.54
C THR A 148 -13.40 3.11 19.46
N PRO A 149 -12.66 4.20 19.18
CA PRO A 149 -11.61 4.59 20.12
C PRO A 149 -12.18 4.91 21.49
N PHE A 150 -13.34 5.55 21.53
CA PHE A 150 -14.03 5.83 22.79
C PHE A 150 -14.25 4.57 23.61
N ASP A 151 -14.74 3.52 22.97
CA ASP A 151 -14.94 2.23 23.65
C ASP A 151 -13.64 1.67 24.24
N LEU A 152 -12.56 1.71 23.47
CA LEU A 152 -11.29 1.19 23.97
C LEU A 152 -10.73 2.05 25.11
N ALA A 153 -10.87 3.36 24.99
CA ALA A 153 -10.39 4.24 26.05
C ALA A 153 -11.05 3.90 27.38
N ILE A 154 -12.36 3.78 27.36
CA ILE A 154 -13.15 3.50 28.56
CA ILE A 154 -13.10 3.54 28.57
C ILE A 154 -12.85 2.12 29.13
N ASP A 155 -12.73 1.12 28.26
CA ASP A 155 -12.47 -0.24 28.72
C ASP A 155 -11.11 -0.38 29.37
N ASN A 156 -10.18 0.48 28.97
CA ASN A 156 -8.86 0.48 29.59
C ASN A 156 -8.76 1.50 30.72
N GLY A 157 -9.90 2.09 31.07
CA GLY A 157 -9.97 3.01 32.19
C GLY A 157 -9.37 4.38 31.91
N ASN A 158 -9.33 4.80 30.65
CA ASN A 158 -8.78 6.13 30.43
C ASN A 158 -9.93 7.08 30.23
N GLU A 159 -10.28 7.79 31.30
CA GLU A 159 -11.50 8.58 31.31
C GLU A 159 -11.26 9.89 30.63
N ASP A 160 -10.04 10.39 30.80
CA ASP A 160 -9.62 11.66 30.24
C ASP A 160 -9.77 11.64 28.73
N ILE A 161 -9.29 10.56 28.13
CA ILE A 161 -9.34 10.39 26.69
C ILE A 161 -10.78 10.16 26.22
N ALA A 162 -11.51 9.35 26.96
CA ALA A 162 -12.91 9.09 26.64
C ALA A 162 -13.73 10.38 26.57
N GLU A 163 -13.54 11.24 27.55
CA GLU A 163 -14.28 12.51 27.58
C GLU A 163 -13.94 13.36 26.35
N VAL A 164 -12.65 13.43 26.02
CA VAL A 164 -12.22 14.18 24.82
C VAL A 164 -12.86 13.63 23.54
N LEU A 165 -12.94 12.31 23.44
CA LEU A 165 -13.52 11.68 22.26
C LEU A 165 -15.03 11.89 22.17
N GLN A 166 -15.69 11.86 23.32
CA GLN A 166 -17.13 12.11 23.39
C GLN A 166 -17.45 13.53 22.93
N LYS A 167 -16.69 14.52 23.43
CA LYS A 167 -16.85 15.91 23.01
C LYS A 167 -16.64 16.07 21.52
N ALA A 168 -15.61 15.40 21.00
CA ALA A 168 -15.35 15.40 19.57
C ALA A 168 -16.48 14.70 18.82
N LEU B 14 4.05 27.98 -28.41
CA LEU B 14 4.65 26.99 -29.30
C LEU B 14 4.80 25.64 -28.63
N GLY B 15 4.88 25.65 -27.29
CA GLY B 15 4.99 24.44 -26.50
C GLY B 15 3.79 23.54 -26.70
N LYS B 16 2.60 24.14 -26.64
CA LYS B 16 1.37 23.40 -26.85
C LYS B 16 1.31 22.80 -28.23
N LYS B 17 1.77 23.56 -29.22
CA LYS B 17 1.81 23.07 -30.60
C LYS B 17 2.81 21.91 -30.74
N LEU B 18 3.93 22.00 -30.04
CA LEU B 18 4.93 20.94 -30.09
C LEU B 18 4.40 19.67 -29.42
N LEU B 19 3.78 19.83 -28.26
CA LEU B 19 3.14 18.70 -27.58
C LEU B 19 2.12 18.01 -28.50
N GLU B 20 1.31 18.80 -29.18
CA GLU B 20 0.32 18.25 -30.10
C GLU B 20 0.94 17.52 -31.30
N ALA B 21 1.97 18.11 -31.91
CA ALA B 21 2.62 17.51 -33.08
C ALA B 21 3.37 16.22 -32.74
N ALA B 22 4.05 16.24 -31.60
CA ALA B 22 4.78 15.08 -31.11
C ALA B 22 3.85 13.87 -30.95
N ARG B 23 2.71 14.07 -30.31
CA ARG B 23 1.77 12.96 -30.14
C ARG B 23 1.14 12.50 -31.46
N ALA B 24 0.86 13.46 -32.36
CA ALA B 24 0.21 13.20 -33.64
C ALA B 24 1.16 12.59 -34.66
N GLY B 25 2.46 12.61 -34.34
CA GLY B 25 3.44 12.01 -35.21
C GLY B 25 3.67 12.85 -36.45
N GLN B 26 3.61 14.17 -36.32
CA GLN B 26 3.78 14.97 -37.52
C GLN B 26 5.20 15.48 -37.54
N ASP B 27 6.01 14.86 -38.40
CA ASP B 27 7.46 15.04 -38.36
C ASP B 27 7.78 16.45 -38.78
N ASP B 28 7.15 16.89 -39.85
CA ASP B 28 7.42 18.19 -40.43
C ASP B 28 7.08 19.30 -39.44
N GLU B 29 5.91 19.20 -38.81
CA GLU B 29 5.48 20.21 -37.85
C GLU B 29 6.44 20.30 -36.67
N VAL B 30 6.89 19.15 -36.17
CA VAL B 30 7.88 19.13 -35.11
C VAL B 30 9.16 19.89 -35.51
N ARG B 31 9.64 19.65 -36.72
CA ARG B 31 10.85 20.29 -37.23
C ARG B 31 10.69 21.81 -37.28
N ILE B 32 9.59 22.24 -37.89
CA ILE B 32 9.28 23.66 -38.01
C ILE B 32 9.19 24.33 -36.64
N LEU B 33 8.59 23.63 -35.68
CA LEU B 33 8.45 24.19 -34.34
C LEU B 33 9.78 24.31 -33.61
N MET B 34 10.66 23.33 -33.75
CA MET B 34 11.96 23.37 -33.08
CA MET B 34 11.93 23.41 -33.04
C MET B 34 12.83 24.45 -33.70
N ALA B 35 12.67 24.64 -35.01
CA ALA B 35 13.45 25.65 -35.72
C ALA B 35 13.05 27.04 -35.24
N ASN B 36 11.77 27.19 -34.88
CA ASN B 36 11.24 28.47 -34.43
C ASN B 36 11.46 28.74 -32.93
N GLY B 37 12.13 27.82 -32.25
CA GLY B 37 12.46 28.02 -30.85
C GLY B 37 11.50 27.45 -29.82
N ALA B 38 10.63 26.53 -30.25
CA ALA B 38 9.71 25.85 -29.34
C ALA B 38 10.49 25.15 -28.24
N ASP B 39 9.94 25.12 -27.03
CA ASP B 39 10.63 24.50 -25.91
C ASP B 39 10.48 22.98 -25.95
N VAL B 40 11.62 22.30 -26.08
CA VAL B 40 11.64 20.87 -26.27
C VAL B 40 11.20 20.13 -25.00
N ASN B 41 11.32 20.81 -23.88
CA ASN B 41 10.93 20.33 -22.54
C ASN B 41 9.55 20.78 -22.01
N ALA B 42 8.76 21.42 -22.87
CA ALA B 42 7.42 21.89 -22.50
C ALA B 42 6.63 20.75 -21.87
N LYS B 43 5.88 21.04 -20.81
CA LYS B 43 5.12 20.01 -20.12
C LYS B 43 3.62 20.29 -20.19
N ASP B 44 2.81 19.25 -20.39
CA ASP B 44 1.35 19.44 -20.36
C ASP B 44 0.80 19.30 -18.93
N ARG B 45 -0.53 19.26 -18.81
CA ARG B 45 -1.19 19.27 -17.50
C ARG B 45 -1.05 17.97 -16.71
N PHE B 46 -0.59 16.91 -17.37
CA PHE B 46 -0.19 15.70 -16.65
C PHE B 46 1.32 15.61 -16.42
N GLY B 47 2.04 16.66 -16.83
CA GLY B 47 3.47 16.70 -16.67
C GLY B 47 4.22 15.99 -17.78
N TRP B 48 3.53 15.69 -18.88
CA TRP B 48 4.14 14.98 -20.01
C TRP B 48 4.88 15.94 -20.95
N THR B 49 6.03 15.49 -21.44
CA THR B 49 6.79 16.31 -22.38
C THR B 49 6.57 15.79 -23.80
N PRO B 50 7.10 16.50 -24.81
CA PRO B 50 6.92 15.96 -26.16
C PRO B 50 7.58 14.58 -26.29
N LEU B 51 8.61 14.32 -25.51
CA LEU B 51 9.27 13.03 -25.57
C LEU B 51 8.41 11.91 -24.96
N HIS B 52 7.65 12.22 -23.90
CA HIS B 52 6.74 11.24 -23.32
C HIS B 52 5.73 10.85 -24.40
N LEU B 53 5.17 11.87 -25.03
CA LEU B 53 4.08 11.65 -25.97
C LEU B 53 4.56 10.84 -27.17
N ALA B 54 5.69 11.24 -27.74
CA ALA B 54 6.23 10.49 -28.90
C ALA B 54 6.66 9.07 -28.55
N ALA B 55 7.21 8.86 -27.36
CA ALA B 55 7.63 7.52 -26.96
C ALA B 55 6.41 6.61 -26.78
N MET B 56 5.35 7.17 -26.19
CA MET B 56 4.11 6.43 -26.02
C MET B 56 3.47 6.04 -27.34
N GLU B 57 3.40 6.96 -28.29
CA GLU B 57 2.73 6.72 -29.56
C GLU B 57 3.63 5.99 -30.55
N GLY B 58 4.90 5.87 -30.20
CA GLY B 58 5.85 5.11 -31.00
C GLY B 58 6.40 5.86 -32.20
N HIS B 59 6.52 7.18 -32.12
CA HIS B 59 7.06 7.87 -33.27
C HIS B 59 8.58 8.03 -33.11
N LEU B 60 9.33 7.25 -33.87
CA LEU B 60 10.75 7.10 -33.62
C LEU B 60 11.57 8.30 -34.08
N GLU B 61 11.29 8.79 -35.28
CA GLU B 61 12.04 9.93 -35.80
C GLU B 61 11.84 11.12 -34.89
N ILE B 62 10.60 11.31 -34.42
CA ILE B 62 10.32 12.44 -33.53
C ILE B 62 11.09 12.31 -32.22
N VAL B 63 11.11 11.09 -31.67
CA VAL B 63 11.95 10.81 -30.50
C VAL B 63 13.43 11.20 -30.72
N GLU B 64 14.00 10.75 -31.83
CA GLU B 64 15.42 11.04 -32.12
C GLU B 64 15.68 12.53 -32.30
N VAL B 65 14.78 13.18 -33.00
CA VAL B 65 14.89 14.60 -33.28
C VAL B 65 14.80 15.41 -31.99
N LEU B 66 13.89 15.03 -31.09
CA LEU B 66 13.78 15.70 -29.79
C LEU B 66 15.04 15.53 -28.92
N LEU B 67 15.59 14.32 -28.91
CA LEU B 67 16.80 14.05 -28.13
C LEU B 67 17.98 14.86 -28.66
N LYS B 68 18.06 14.97 -29.98
CA LYS B 68 19.13 15.70 -30.66
C LYS B 68 19.09 17.19 -30.35
N THR B 69 17.88 17.68 -30.07
CA THR B 69 17.65 19.08 -29.70
C THR B 69 17.58 19.40 -28.19
N GLY B 70 17.92 18.41 -27.37
CA GLY B 70 18.09 18.65 -25.94
C GLY B 70 16.97 18.19 -25.01
N ALA B 71 16.06 17.37 -25.51
CA ALA B 71 15.01 16.81 -24.65
C ALA B 71 15.63 16.04 -23.48
N ASP B 72 15.02 16.17 -22.30
CA ASP B 72 15.49 15.45 -21.13
C ASP B 72 14.98 14.02 -21.20
N VAL B 73 15.91 13.06 -21.28
CA VAL B 73 15.54 11.67 -21.48
C VAL B 73 14.90 11.10 -20.20
N ASN B 74 15.27 11.68 -19.08
CA ASN B 74 14.76 11.31 -17.75
C ASN B 74 13.59 12.12 -17.17
N ALA B 75 13.00 13.01 -17.96
CA ALA B 75 11.88 13.83 -17.48
C ALA B 75 10.80 12.97 -16.83
N TRP B 76 10.33 13.38 -15.65
CA TRP B 76 9.31 12.63 -14.93
C TRP B 76 7.99 13.38 -14.97
N ALA B 77 6.89 12.65 -15.23
CA ALA B 77 5.56 13.26 -15.27
C ALA B 77 4.94 13.23 -13.86
N ASP B 78 3.66 13.58 -13.74
CA ASP B 78 3.06 13.79 -12.41
C ASP B 78 3.10 12.56 -11.50
N LEU B 79 3.01 11.38 -12.08
CA LEU B 79 3.06 10.11 -11.34
C LEU B 79 4.47 9.50 -11.35
N GLY B 80 5.43 10.23 -11.91
CA GLY B 80 6.80 9.77 -11.91
C GLY B 80 7.16 9.08 -13.23
N THR B 81 6.19 9.01 -14.12
CA THR B 81 6.38 8.29 -15.38
C THR B 81 7.43 8.97 -16.26
N THR B 82 8.29 8.15 -16.85
CA THR B 82 9.36 8.64 -17.72
C THR B 82 9.12 8.08 -19.13
N PRO B 83 9.74 8.69 -20.17
CA PRO B 83 9.55 8.18 -21.53
C PRO B 83 9.86 6.69 -21.67
N LEU B 84 10.84 6.21 -20.92
CA LEU B 84 11.18 4.79 -20.97
C LEU B 84 10.02 3.91 -20.46
N HIS B 85 9.31 4.36 -19.43
CA HIS B 85 8.16 3.60 -18.92
C HIS B 85 7.14 3.40 -20.04
N LEU B 86 6.93 4.48 -20.79
CA LEU B 86 5.91 4.49 -21.83
C LEU B 86 6.28 3.65 -23.04
N ALA B 87 7.52 3.79 -23.52
CA ALA B 87 7.96 2.92 -24.61
C ALA B 87 7.94 1.45 -24.20
N ALA B 88 8.30 1.14 -22.95
CA ALA B 88 8.32 -0.24 -22.51
C ALA B 88 6.90 -0.77 -22.37
N MET B 89 6.01 0.05 -21.83
CA MET B 89 4.62 -0.34 -21.62
C MET B 89 3.90 -0.61 -22.96
N LYS B 90 4.18 0.25 -23.94
CA LYS B 90 3.51 0.15 -25.23
C LYS B 90 4.23 -0.75 -26.24
N GLY B 91 5.36 -1.32 -25.86
CA GLY B 91 6.02 -2.29 -26.72
C GLY B 91 6.82 -1.71 -27.89
N HIS B 92 7.37 -0.51 -27.74
CA HIS B 92 8.12 0.05 -28.85
C HIS B 92 9.59 -0.18 -28.58
N LEU B 93 10.16 -1.15 -29.27
CA LEU B 93 11.46 -1.69 -28.88
C LEU B 93 12.58 -0.77 -29.31
N GLU B 94 12.50 -0.27 -30.54
CA GLU B 94 13.58 0.58 -31.02
C GLU B 94 13.66 1.86 -30.20
N ILE B 95 12.50 2.35 -29.79
CA ILE B 95 12.47 3.51 -28.89
C ILE B 95 13.09 3.22 -27.52
N VAL B 96 12.83 2.03 -26.97
CA VAL B 96 13.43 1.64 -25.70
C VAL B 96 14.95 1.69 -25.85
N GLU B 97 15.44 1.15 -26.97
CA GLU B 97 16.88 1.11 -27.21
CA GLU B 97 16.88 1.12 -27.26
C GLU B 97 17.49 2.51 -27.37
N VAL B 98 16.81 3.38 -28.11
CA VAL B 98 17.30 4.74 -28.32
C VAL B 98 17.32 5.55 -27.02
N LEU B 99 16.27 5.40 -26.21
CA LEU B 99 16.21 6.05 -24.91
C LEU B 99 17.31 5.57 -23.95
N LEU B 100 17.52 4.25 -23.90
CA LEU B 100 18.60 3.68 -23.08
C LEU B 100 19.98 4.20 -23.49
N LYS B 101 20.19 4.37 -24.79
CA LYS B 101 21.45 4.86 -25.32
C LYS B 101 21.66 6.33 -24.98
N ALA B 102 20.56 7.08 -24.88
CA ALA B 102 20.60 8.49 -24.51
C ALA B 102 20.66 8.70 -23.01
N GLY B 103 20.70 7.61 -22.24
CA GLY B 103 20.87 7.70 -20.80
C GLY B 103 19.66 7.52 -19.90
N ALA B 104 18.55 7.02 -20.45
CA ALA B 104 17.35 6.82 -19.64
C ALA B 104 17.63 5.92 -18.44
N ASP B 105 17.03 6.25 -17.29
CA ASP B 105 17.27 5.46 -16.09
C ASP B 105 16.45 4.17 -16.17
N VAL B 106 17.14 3.04 -16.17
CA VAL B 106 16.52 1.75 -16.44
C VAL B 106 15.62 1.35 -15.27
N ASN B 107 15.97 1.75 -14.07
CA ASN B 107 15.04 1.61 -12.98
C ASN B 107 14.68 3.02 -12.57
N ALA B 108 13.49 3.43 -12.96
CA ALA B 108 12.89 4.66 -12.49
C ALA B 108 11.56 4.10 -12.06
N GLU B 109 10.88 4.76 -11.13
CA GLU B 109 9.65 4.23 -10.55
C GLU B 109 8.49 5.15 -10.87
N ALA B 110 7.32 4.59 -11.18
CA ALA B 110 6.19 5.42 -11.54
C ALA B 110 4.89 4.86 -10.96
N ILE B 111 3.88 5.74 -10.80
CA ILE B 111 2.59 5.30 -10.28
C ILE B 111 2.68 4.72 -8.87
N VAL B 112 2.54 3.41 -8.81
CA VAL B 112 2.69 2.55 -7.63
C VAL B 112 4.01 1.83 -7.35
N GLY B 113 5.12 2.24 -7.96
CA GLY B 113 6.35 1.48 -7.74
C GLY B 113 6.70 0.57 -8.90
N TYR B 114 6.11 0.86 -10.07
CA TYR B 114 6.45 0.16 -11.30
C TYR B 114 7.73 0.68 -11.96
N THR B 115 8.58 -0.22 -12.42
CA THR B 115 9.82 0.11 -13.13
C THR B 115 9.52 -0.30 -14.56
N PRO B 116 10.28 0.21 -15.54
CA PRO B 116 9.98 -0.22 -16.92
C PRO B 116 9.91 -1.73 -17.08
N LEU B 117 10.71 -2.47 -16.32
CA LEU B 117 10.67 -3.91 -16.39
C LEU B 117 9.32 -4.49 -15.94
N HIS B 118 8.73 -3.89 -14.90
CA HIS B 118 7.36 -4.24 -14.49
C HIS B 118 6.38 -4.10 -15.64
N LEU B 119 6.43 -2.96 -16.34
CA LEU B 119 5.41 -2.64 -17.32
C LEU B 119 5.56 -3.54 -18.54
N ALA B 120 6.79 -3.77 -18.97
CA ALA B 120 7.05 -4.69 -20.08
C ALA B 120 6.64 -6.12 -19.77
N ALA B 121 6.88 -6.58 -18.54
CA ALA B 121 6.49 -7.94 -18.14
C ALA B 121 4.97 -8.10 -18.11
N TRP B 122 4.32 -7.09 -17.57
CA TRP B 122 2.88 -7.06 -17.42
C TRP B 122 2.19 -6.98 -18.79
N GLU B 123 2.73 -6.15 -19.68
CA GLU B 123 2.09 -5.94 -20.98
C GLU B 123 2.51 -6.95 -22.03
N GLY B 124 3.39 -7.88 -21.65
CA GLY B 124 3.80 -8.98 -22.53
C GLY B 124 4.78 -8.63 -23.64
N HIS B 125 5.78 -7.81 -23.36
CA HIS B 125 6.75 -7.53 -24.41
C HIS B 125 8.08 -8.17 -24.05
N LEU B 126 8.37 -9.28 -24.70
CA LEU B 126 9.44 -10.14 -24.22
C LEU B 126 10.80 -9.57 -24.59
N GLU B 127 10.93 -9.06 -25.81
CA GLU B 127 12.24 -8.58 -26.25
C GLU B 127 12.64 -7.32 -25.45
N ILE B 128 11.66 -6.49 -25.14
CA ILE B 128 11.91 -5.30 -24.31
C ILE B 128 12.39 -5.68 -22.91
N VAL B 129 11.77 -6.72 -22.34
CA VAL B 129 12.25 -7.29 -21.08
C VAL B 129 13.72 -7.73 -21.17
N GLU B 130 14.05 -8.48 -22.22
CA GLU B 130 15.42 -8.98 -22.37
C GLU B 130 16.44 -7.83 -22.54
N VAL B 131 16.03 -6.80 -23.26
CA VAL B 131 16.89 -5.66 -23.50
C VAL B 131 17.09 -4.85 -22.22
N LEU B 132 15.99 -4.61 -21.50
CA LEU B 132 16.07 -3.96 -20.20
C LEU B 132 17.01 -4.71 -19.25
N LEU B 133 16.86 -6.03 -19.17
CA LEU B 133 17.72 -6.85 -18.31
C LEU B 133 19.21 -6.69 -18.67
N LYS B 134 19.49 -6.61 -19.96
CA LYS B 134 20.86 -6.43 -20.43
C LYS B 134 21.40 -5.06 -20.00
N HIS B 135 20.50 -4.09 -19.89
CA HIS B 135 20.86 -2.73 -19.48
C HIS B 135 20.82 -2.48 -17.98
N GLY B 136 20.65 -3.56 -17.23
CA GLY B 136 20.82 -3.50 -15.79
C GLY B 136 19.52 -3.29 -15.04
N ALA B 137 18.40 -3.55 -15.70
CA ALA B 137 17.11 -3.55 -15.03
C ALA B 137 17.17 -4.48 -13.82
N ASP B 138 16.62 -4.04 -12.68
CA ASP B 138 16.69 -4.83 -11.46
C ASP B 138 15.56 -5.87 -11.47
N VAL B 139 15.95 -7.13 -11.53
CA VAL B 139 14.98 -8.20 -11.70
C VAL B 139 14.17 -8.41 -10.42
N ASN B 140 14.72 -7.95 -9.30
CA ASN B 140 14.13 -8.15 -7.98
C ASN B 140 13.25 -6.99 -7.49
N ALA B 141 13.14 -5.95 -8.30
CA ALA B 141 12.33 -4.77 -7.93
C ALA B 141 10.91 -5.17 -7.54
N GLN B 142 10.43 -4.68 -6.39
CA GLN B 142 9.05 -4.90 -5.99
C GLN B 142 8.27 -3.60 -6.13
N ASP B 143 7.03 -3.68 -6.63
CA ASP B 143 6.16 -2.50 -6.63
C ASP B 143 5.64 -2.30 -5.20
N LYS B 144 4.75 -1.33 -5.00
CA LYS B 144 4.35 -0.97 -3.63
C LYS B 144 3.54 -2.09 -2.97
N PHE B 145 3.03 -2.99 -3.80
CA PHE B 145 2.30 -4.17 -3.33
C PHE B 145 3.18 -5.41 -3.21
N GLY B 146 4.47 -5.23 -3.45
CA GLY B 146 5.44 -6.29 -3.24
C GLY B 146 5.55 -7.27 -4.40
N LYS B 147 5.04 -6.86 -5.56
CA LYS B 147 5.07 -7.73 -6.72
C LYS B 147 6.30 -7.40 -7.58
N THR B 148 7.01 -8.44 -8.01
CA THR B 148 8.17 -8.26 -8.86
C THR B 148 7.69 -8.33 -10.30
N PRO B 149 8.60 -8.09 -11.27
CA PRO B 149 8.20 -8.28 -12.67
C PRO B 149 7.79 -9.71 -12.96
N PHE B 150 8.45 -10.67 -12.30
CA PHE B 150 8.11 -12.07 -12.46
C PHE B 150 6.64 -12.31 -12.11
N ASP B 151 6.18 -11.76 -10.98
CA ASP B 151 4.79 -11.93 -10.53
C ASP B 151 3.80 -11.37 -11.54
N LEU B 152 4.12 -10.22 -12.10
CA LEU B 152 3.24 -9.57 -13.06
C LEU B 152 3.13 -10.38 -14.34
N ALA B 153 4.24 -11.00 -14.74
CA ALA B 153 4.27 -11.84 -15.93
C ALA B 153 3.39 -13.07 -15.74
N ILE B 154 3.55 -13.72 -14.59
CA ILE B 154 2.72 -14.86 -14.25
C ILE B 154 1.24 -14.51 -14.24
N ASP B 155 0.91 -13.38 -13.60
CA ASP B 155 -0.49 -12.97 -13.46
C ASP B 155 -1.18 -12.81 -14.80
N ASN B 156 -0.42 -12.34 -15.78
CA ASN B 156 -0.95 -12.16 -17.13
C ASN B 156 -0.70 -13.35 -18.03
N GLY B 157 -0.16 -14.41 -17.44
CA GLY B 157 0.05 -15.63 -18.18
C GLY B 157 1.14 -15.47 -19.22
N ASN B 158 2.12 -14.61 -18.98
CA ASN B 158 3.20 -14.61 -19.95
C ASN B 158 4.29 -15.43 -19.34
N GLU B 159 4.32 -16.70 -19.75
CA GLU B 159 5.17 -17.69 -19.12
C GLU B 159 6.57 -17.58 -19.67
N ASP B 160 6.65 -17.17 -20.93
CA ASP B 160 7.96 -16.99 -21.55
C ASP B 160 8.75 -15.86 -20.88
N ILE B 161 8.05 -14.80 -20.51
CA ILE B 161 8.67 -13.69 -19.81
C ILE B 161 9.06 -14.12 -18.40
N ALA B 162 8.15 -14.80 -17.73
CA ALA B 162 8.43 -15.29 -16.37
C ALA B 162 9.67 -16.18 -16.34
N GLU B 163 9.83 -17.04 -17.34
CA GLU B 163 10.99 -17.93 -17.38
C GLU B 163 12.30 -17.16 -17.52
N VAL B 164 12.33 -16.18 -18.42
CA VAL B 164 13.50 -15.34 -18.65
C VAL B 164 13.89 -14.58 -17.38
N LEU B 165 12.89 -14.04 -16.70
CA LEU B 165 13.08 -13.36 -15.43
C LEU B 165 13.61 -14.28 -14.35
N GLN B 166 13.07 -15.50 -14.28
CA GLN B 166 13.50 -16.44 -13.25
C GLN B 166 14.95 -16.86 -13.47
N LYS B 167 15.32 -17.07 -14.72
CA LYS B 167 16.68 -17.47 -15.05
C LYS B 167 17.67 -16.34 -14.80
N ALA B 168 17.18 -15.10 -14.79
CA ALA B 168 18.04 -13.95 -14.52
C ALA B 168 18.08 -13.59 -13.03
N ALA B 169 17.20 -14.22 -12.25
CA ALA B 169 17.08 -13.92 -10.83
C ALA B 169 18.04 -14.76 -10.00
N PRO C 19 -17.61 24.33 -3.50
CA PRO C 19 -18.00 23.25 -4.42
C PRO C 19 -18.42 22.02 -3.63
N ASP C 20 -19.32 21.23 -4.19
CA ASP C 20 -19.86 20.10 -3.48
C ASP C 20 -19.00 18.89 -3.85
N THR C 21 -18.19 18.43 -2.90
CA THR C 21 -17.27 17.33 -3.17
C THR C 21 -18.02 16.03 -3.48
N ARG C 22 -19.10 15.78 -2.74
CA ARG C 22 -19.93 14.60 -2.99
CA ARG C 22 -19.92 14.59 -2.99
C ARG C 22 -20.51 14.55 -4.40
N ALA C 23 -20.98 15.69 -4.90
CA ALA C 23 -21.56 15.75 -6.25
C ALA C 23 -20.49 15.52 -7.34
N LEU C 24 -19.30 16.04 -7.12
CA LEU C 24 -18.17 15.84 -8.03
C LEU C 24 -17.82 14.35 -8.12
N VAL C 25 -17.62 13.72 -6.97
CA VAL C 25 -17.33 12.30 -6.93
C VAL C 25 -18.45 11.47 -7.57
N ALA C 26 -19.69 11.78 -7.23
CA ALA C 26 -20.83 11.05 -7.75
C ALA C 26 -20.94 11.22 -9.27
N ASP C 27 -20.64 12.42 -9.76
CA ASP C 27 -20.73 12.64 -11.19
C ASP C 27 -19.69 11.81 -11.91
N PHE C 28 -18.45 11.88 -11.44
CA PHE C 28 -17.36 11.22 -12.16
C PHE C 28 -17.53 9.72 -12.14
N VAL C 29 -17.81 9.18 -10.97
CA VAL C 29 -17.97 7.72 -10.87
C VAL C 29 -19.18 7.24 -11.69
N GLY C 30 -20.27 7.99 -11.63
CA GLY C 30 -21.47 7.61 -12.37
C GLY C 30 -21.25 7.71 -13.87
N TYR C 31 -20.46 8.70 -14.27
CA TYR C 31 -20.11 8.87 -15.69
C TYR C 31 -19.30 7.65 -16.16
N LYS C 32 -18.31 7.25 -15.38
CA LYS C 32 -17.49 6.09 -15.71
C LYS C 32 -18.24 4.76 -15.70
N LEU C 33 -19.12 4.58 -14.71
CA LEU C 33 -19.93 3.36 -14.64
C LEU C 33 -20.84 3.26 -15.86
N ARG C 34 -21.34 4.40 -16.32
CA ARG C 34 -22.18 4.41 -17.52
C ARG C 34 -21.40 4.09 -18.80
N GLN C 35 -20.18 4.62 -18.90
CA GLN C 35 -19.31 4.31 -20.03
C GLN C 35 -19.05 2.81 -20.10
N LYS C 36 -18.93 2.16 -18.95
CA LYS C 36 -18.76 0.70 -18.93
C LYS C 36 -20.06 -0.06 -19.25
N GLY C 37 -21.20 0.62 -19.12
CA GLY C 37 -22.49 0.01 -19.32
C GLY C 37 -23.00 -0.72 -18.08
N TYR C 38 -22.40 -0.41 -16.93
CA TYR C 38 -22.74 -1.08 -15.68
C TYR C 38 -23.92 -0.43 -14.95
N VAL C 39 -24.22 0.80 -15.34
CA VAL C 39 -25.31 1.57 -14.73
C VAL C 39 -26.03 2.21 -15.91
N CYS C 40 -27.36 2.27 -15.85
CA CYS C 40 -28.14 2.90 -16.92
C CYS C 40 -29.11 3.87 -16.30
N GLY C 41 -29.28 5.02 -16.92
CA GLY C 41 -30.34 5.92 -16.53
C GLY C 41 -29.96 6.96 -15.50
N ALA C 42 -30.95 7.37 -14.72
CA ALA C 42 -30.89 8.59 -13.92
C ALA C 42 -29.89 8.63 -12.78
N GLY C 43 -29.58 9.84 -12.34
CA GLY C 43 -28.63 10.05 -11.26
C GLY C 43 -27.33 10.71 -11.70
N PRO C 44 -26.50 11.11 -10.74
CA PRO C 44 -25.23 11.79 -11.06
C PRO C 44 -24.42 10.98 -12.08
N GLY C 45 -23.88 11.68 -13.08
CA GLY C 45 -23.10 11.06 -14.13
C GLY C 45 -23.92 10.81 -15.38
N GLU C 46 -25.24 10.88 -15.26
CA GLU C 46 -26.12 10.73 -16.41
C GLU C 46 -26.19 12.00 -17.26
N GLY C 47 -26.08 11.85 -18.57
CA GLY C 47 -26.21 12.98 -19.48
C GLY C 47 -25.08 13.97 -19.32
N PRO C 48 -25.20 15.11 -20.00
CA PRO C 48 -24.18 16.19 -20.01
C PRO C 48 -23.82 16.66 -18.62
N ALA C 49 -22.54 16.97 -18.40
CA ALA C 49 -22.11 17.55 -17.14
C ALA C 49 -22.79 18.91 -16.93
N ALA C 50 -23.22 19.15 -15.69
CA ALA C 50 -24.04 20.30 -15.35
C ALA C 50 -23.24 21.51 -14.89
N ASP C 51 -21.92 21.46 -15.04
CA ASP C 51 -21.05 22.24 -14.19
C ASP C 51 -19.65 22.10 -14.79
N PRO C 52 -18.93 23.23 -14.90
CA PRO C 52 -17.61 23.22 -15.54
C PRO C 52 -16.59 22.39 -14.75
N LEU C 53 -16.74 22.31 -13.42
CA LEU C 53 -15.89 21.44 -12.63
C LEU C 53 -16.11 19.98 -13.00
N HIS C 54 -17.37 19.56 -13.03
CA HIS C 54 -17.69 18.17 -13.39
C HIS C 54 -17.19 17.84 -14.80
N GLN C 55 -17.41 18.78 -15.72
CA GLN C 55 -16.93 18.65 -17.09
C GLN C 55 -15.42 18.47 -17.15
N ALA C 56 -14.71 19.28 -16.39
CA ALA C 56 -13.25 19.18 -16.31
C ALA C 56 -12.76 17.82 -15.83
N MET C 57 -13.38 17.28 -14.77
CA MET C 57 -12.96 15.98 -14.27
C MET C 57 -13.28 14.82 -15.24
N ARG C 58 -14.43 14.89 -15.92
CA ARG C 58 -14.75 13.87 -16.89
C ARG C 58 -13.67 13.85 -17.99
N ALA C 59 -13.28 15.04 -18.45
CA ALA C 59 -12.33 15.16 -19.55
C ALA C 59 -10.93 14.74 -19.11
N ALA C 60 -10.54 15.17 -17.92
CA ALA C 60 -9.24 14.78 -17.36
C ALA C 60 -9.13 13.28 -17.19
N GLY C 61 -10.17 12.67 -16.61
CA GLY C 61 -10.19 11.23 -16.43
C GLY C 61 -10.21 10.46 -17.74
N ASP C 62 -10.97 10.96 -18.72
CA ASP C 62 -11.00 10.29 -20.03
C ASP C 62 -9.61 10.33 -20.68
N GLU C 63 -8.96 11.49 -20.61
CA GLU C 63 -7.64 11.66 -21.24
C GLU C 63 -6.59 10.81 -20.54
N PHE C 64 -6.65 10.80 -19.22
CA PHE C 64 -5.74 10.00 -18.43
C PHE C 64 -5.85 8.54 -18.84
N GLU C 65 -7.08 8.09 -19.05
CA GLU C 65 -7.32 6.70 -19.43
C GLU C 65 -6.87 6.37 -20.85
N THR C 66 -6.80 7.36 -21.74
CA THR C 66 -6.27 7.12 -23.07
CA THR C 66 -6.26 7.11 -23.08
C THR C 66 -4.76 6.87 -23.00
N ARG C 67 -4.11 7.51 -22.03
CA ARG C 67 -2.67 7.35 -21.84
C ARG C 67 -2.28 6.08 -21.11
N PHE C 68 -2.99 5.74 -20.03
CA PHE C 68 -2.72 4.45 -19.42
C PHE C 68 -4.00 3.69 -19.60
N ARG C 69 -4.05 2.83 -20.61
CA ARG C 69 -5.35 2.29 -21.03
C ARG C 69 -6.07 1.50 -19.94
N ARG C 70 -5.53 0.32 -19.68
CA ARG C 70 -6.04 -0.62 -18.72
C ARG C 70 -5.30 -0.60 -17.38
N THR C 71 -4.37 0.34 -17.22
CA THR C 71 -3.48 0.36 -16.05
C THR C 71 -4.22 0.27 -14.71
N PHE C 72 -5.19 1.15 -14.50
CA PHE C 72 -5.93 1.15 -13.23
C PHE C 72 -6.99 0.05 -13.13
N SER C 73 -7.62 -0.31 -14.24
CA SER C 73 -8.55 -1.44 -14.17
C SER C 73 -7.80 -2.75 -13.85
N ASP C 74 -6.61 -2.92 -14.41
CA ASP C 74 -5.77 -4.06 -14.09
C ASP C 74 -5.34 -4.03 -12.62
N LEU C 75 -4.85 -2.89 -12.17
CA LEU C 75 -4.46 -2.73 -10.77
C LEU C 75 -5.63 -3.08 -9.84
N ALA C 76 -6.83 -2.60 -10.14
CA ALA C 76 -8.01 -2.92 -9.32
C ALA C 76 -8.28 -4.42 -9.26
N ALA C 77 -8.17 -5.09 -10.40
CA ALA C 77 -8.39 -6.53 -10.47
C ALA C 77 -7.35 -7.30 -9.68
N GLN C 78 -6.12 -6.80 -9.69
CA GLN C 78 -5.02 -7.50 -9.04
C GLN C 78 -5.04 -7.37 -7.51
N LEU C 79 -5.85 -6.45 -7.00
CA LEU C 79 -5.96 -6.27 -5.57
C LEU C 79 -6.79 -7.36 -4.91
N HIS C 80 -7.58 -8.08 -5.72
CA HIS C 80 -8.48 -9.13 -5.23
C HIS C 80 -9.24 -8.67 -4.00
N VAL C 81 -10.05 -7.64 -4.15
CA VAL C 81 -10.72 -7.09 -2.96
C VAL C 81 -11.89 -7.96 -2.49
N THR C 82 -12.21 -7.84 -1.21
CA THR C 82 -13.40 -8.43 -0.62
C THR C 82 -14.15 -7.29 0.04
N PRO C 83 -15.43 -7.50 0.41
CA PRO C 83 -16.13 -6.38 1.03
C PRO C 83 -15.42 -5.92 2.31
N GLY C 84 -14.76 -6.84 3.00
CA GLY C 84 -14.07 -6.52 4.24
C GLY C 84 -12.67 -5.93 4.11
N SER C 85 -11.97 -6.17 3.00
CA SER C 85 -10.64 -5.58 2.79
C SER C 85 -10.63 -4.34 1.89
N ALA C 86 -11.79 -3.99 1.34
CA ALA C 86 -11.82 -3.03 0.25
C ALA C 86 -11.37 -1.64 0.70
N GLN C 87 -11.81 -1.24 1.88
CA GLN C 87 -11.52 0.10 2.35
C GLN C 87 -10.02 0.26 2.59
N GLN C 88 -9.41 -0.78 3.16
CA GLN C 88 -7.98 -0.80 3.38
C GLN C 88 -7.18 -0.72 2.06
N ARG C 89 -7.57 -1.54 1.08
CA ARG C 89 -6.91 -1.54 -0.23
C ARG C 89 -7.05 -0.18 -0.91
N PHE C 90 -8.23 0.41 -0.78
CA PHE C 90 -8.51 1.72 -1.38
C PHE C 90 -7.56 2.77 -0.82
N THR C 91 -7.42 2.76 0.50
CA THR C 91 -6.63 3.74 1.21
C THR C 91 -5.16 3.58 0.91
N GLN C 92 -4.67 2.34 0.90
CA GLN C 92 -3.28 2.05 0.57
C GLN C 92 -2.92 2.49 -0.85
N VAL C 93 -3.74 2.14 -1.83
CA VAL C 93 -3.49 2.61 -3.18
C VAL C 93 -3.46 4.15 -3.24
N SER C 94 -4.49 4.77 -2.67
CA SER C 94 -4.59 6.23 -2.70
C SER C 94 -3.36 6.87 -2.05
N ASP C 95 -2.92 6.32 -0.91
CA ASP C 95 -1.76 6.86 -0.21
C ASP C 95 -0.52 6.78 -1.09
N GLU C 96 -0.40 5.69 -1.85
CA GLU C 96 0.73 5.55 -2.75
C GLU C 96 0.65 6.47 -3.97
N LEU C 97 -0.56 6.70 -4.46
CA LEU C 97 -0.75 7.61 -5.60
C LEU C 97 -0.27 9.02 -5.25
N PHE C 98 -0.48 9.39 -3.99
CA PHE C 98 -0.05 10.69 -3.48
C PHE C 98 1.33 10.73 -2.81
N GLN C 99 2.08 9.63 -2.84
CA GLN C 99 3.43 9.60 -2.24
C GLN C 99 4.28 10.72 -2.81
N GLY C 100 4.90 11.52 -1.95
CA GLY C 100 5.66 12.67 -2.41
C GLY C 100 4.82 13.93 -2.47
N GLY C 101 3.58 13.87 -1.99
CA GLY C 101 2.70 15.02 -1.99
C GLY C 101 1.83 15.12 -3.23
N PRO C 102 0.68 15.78 -3.09
CA PRO C 102 -0.29 15.91 -4.19
C PRO C 102 0.22 16.77 -5.36
N ASN C 103 -0.29 16.48 -6.55
CA ASN C 103 -0.34 17.47 -7.62
C ASN C 103 -1.64 17.19 -8.36
N TRP C 104 -1.98 17.97 -9.39
CA TRP C 104 -3.30 17.80 -9.98
C TRP C 104 -3.39 16.48 -10.74
N GLY C 105 -2.29 16.06 -11.38
CA GLY C 105 -2.29 14.78 -12.08
C GLY C 105 -2.58 13.60 -11.17
N ARG C 106 -2.03 13.66 -9.96
CA ARG C 106 -2.26 12.58 -9.00
C ARG C 106 -3.71 12.56 -8.53
N LEU C 107 -4.30 13.75 -8.44
CA LEU C 107 -5.72 13.84 -8.10
C LEU C 107 -6.59 13.20 -9.20
N VAL C 108 -6.26 13.44 -10.45
CA VAL C 108 -6.97 12.79 -11.53
C VAL C 108 -6.81 11.27 -11.45
N ALA C 109 -5.58 10.81 -11.19
CA ALA C 109 -5.33 9.38 -11.02
C ALA C 109 -6.19 8.78 -9.92
N PHE C 110 -6.33 9.55 -8.84
CA PHE C 110 -7.12 9.13 -7.68
C PHE C 110 -8.59 8.91 -8.07
N PHE C 111 -9.11 9.80 -8.89
CA PHE C 111 -10.50 9.67 -9.36
C PHE C 111 -10.64 8.48 -10.27
N VAL C 112 -9.72 8.34 -11.21
CA VAL C 112 -9.74 7.22 -12.14
C VAL C 112 -9.67 5.88 -11.40
N PHE C 113 -8.80 5.82 -10.41
CA PHE C 113 -8.66 4.60 -9.61
C PHE C 113 -9.93 4.29 -8.84
N GLY C 114 -10.50 5.32 -8.19
CA GLY C 114 -11.75 5.14 -7.46
C GLY C 114 -12.85 4.60 -8.34
N ALA C 115 -13.02 5.19 -9.52
CA ALA C 115 -14.00 4.66 -10.49
C ALA C 115 -13.65 3.23 -10.92
N ALA C 116 -12.37 2.95 -11.14
CA ALA C 116 -11.95 1.60 -11.51
C ALA C 116 -12.30 0.56 -10.44
N LEU C 117 -12.11 0.94 -9.18
CA LEU C 117 -12.43 0.05 -8.08
C LEU C 117 -13.95 -0.20 -7.98
N CYS C 118 -14.74 0.83 -8.25
CA CYS C 118 -16.19 0.67 -8.31
C CYS C 118 -16.58 -0.33 -9.41
N ALA C 119 -16.05 -0.12 -10.60
CA ALA C 119 -16.30 -1.06 -11.71
C ALA C 119 -15.86 -2.48 -11.36
N GLU C 120 -14.70 -2.61 -10.73
CA GLU C 120 -14.23 -3.94 -10.32
C GLU C 120 -15.19 -4.63 -9.31
N SER C 121 -15.78 -3.85 -8.41
CA SER C 121 -16.74 -4.43 -7.46
CA SER C 121 -16.75 -4.41 -7.45
C SER C 121 -17.97 -4.95 -8.18
N VAL C 122 -18.32 -4.33 -9.30
CA VAL C 122 -19.43 -4.83 -10.10
C VAL C 122 -19.04 -6.16 -10.77
N ASN C 123 -17.84 -6.21 -11.35
CA ASN C 123 -17.29 -7.45 -11.92
C ASN C 123 -17.31 -8.61 -10.93
N LYS C 124 -17.07 -8.30 -9.66
CA LYS C 124 -16.95 -9.32 -8.63
C LYS C 124 -18.26 -9.61 -7.85
N GLU C 125 -19.37 -9.00 -8.27
CA GLU C 125 -20.68 -9.21 -7.62
C GLU C 125 -20.66 -8.74 -6.17
N MET C 126 -19.85 -7.71 -6.00
CA MET C 126 -19.61 -6.88 -4.81
C MET C 126 -20.33 -5.52 -4.71
N GLU C 127 -21.43 -5.33 -5.44
CA GLU C 127 -21.99 -4.01 -5.70
C GLU C 127 -22.21 -3.07 -4.51
N VAL C 128 -22.31 -3.60 -3.30
CA VAL C 128 -22.41 -2.74 -2.12
CA VAL C 128 -22.41 -2.74 -2.12
C VAL C 128 -21.22 -1.79 -2.03
N LEU C 129 -20.10 -2.18 -2.63
CA LEU C 129 -18.92 -1.32 -2.61
C LEU C 129 -19.03 -0.07 -3.49
N VAL C 130 -19.92 -0.08 -4.48
CA VAL C 130 -20.08 1.10 -5.34
C VAL C 130 -20.38 2.36 -4.53
N GLY C 131 -21.39 2.29 -3.67
CA GLY C 131 -21.71 3.45 -2.84
C GLY C 131 -20.62 3.71 -1.82
N GLN C 132 -20.07 2.63 -1.28
CA GLN C 132 -19.06 2.74 -0.25
C GLN C 132 -17.78 3.39 -0.73
N VAL C 133 -17.30 2.97 -1.90
CA VAL C 133 -16.08 3.57 -2.43
C VAL C 133 -16.28 5.05 -2.68
N GLN C 134 -17.44 5.44 -3.18
CA GLN C 134 -17.70 6.86 -3.37
C GLN C 134 -17.62 7.65 -2.07
N GLU C 135 -18.20 7.10 -1.01
CA GLU C 135 -18.10 7.71 0.31
C GLU C 135 -16.64 7.78 0.82
N TRP C 136 -15.87 6.72 0.59
CA TRP C 136 -14.47 6.72 1.02
C TRP C 136 -13.68 7.79 0.25
N MET C 137 -14.03 7.98 -1.03
CA MET C 137 -13.37 9.00 -1.84
C MET C 137 -13.62 10.39 -1.30
N VAL C 138 -14.89 10.69 -1.01
CA VAL C 138 -15.25 11.97 -0.38
C VAL C 138 -14.49 12.22 0.92
N ALA C 139 -14.48 11.21 1.79
CA ALA C 139 -13.82 11.34 3.08
C ALA C 139 -12.31 11.55 2.92
N TYR C 140 -11.71 10.84 1.97
CA TYR C 140 -10.27 10.99 1.71
C TYR C 140 -9.98 12.42 1.25
N LEU C 141 -10.77 12.93 0.31
CA LEU C 141 -10.62 14.30 -0.16
C LEU C 141 -10.78 15.32 0.96
N GLU C 142 -11.80 15.13 1.80
CA GLU C 142 -12.10 16.11 2.84
C GLU C 142 -11.06 16.09 3.97
N THR C 143 -10.58 14.91 4.33
CA THR C 143 -9.57 14.80 5.38
C THR C 143 -8.10 14.96 4.96
N ARG C 144 -7.74 14.33 3.85
CA ARG C 144 -6.37 14.35 3.32
C ARG C 144 -5.97 15.48 2.38
N LEU C 145 -6.85 15.77 1.42
CA LEU C 145 -6.50 16.70 0.34
C LEU C 145 -7.01 18.14 0.42
N ALA C 146 -7.86 18.43 1.41
CA ALA C 146 -8.58 19.69 1.40
C ALA C 146 -7.64 20.89 1.53
N ASP C 147 -6.66 20.79 2.43
CA ASP C 147 -5.69 21.86 2.60
C ASP C 147 -4.92 22.12 1.32
N TRP C 148 -4.43 21.07 0.69
CA TRP C 148 -3.65 21.20 -0.54
C TRP C 148 -4.48 21.77 -1.68
N ILE C 149 -5.73 21.32 -1.81
CA ILE C 149 -6.61 21.86 -2.85
C ILE C 149 -6.78 23.37 -2.64
N HIS C 150 -7.05 23.77 -1.40
CA HIS C 150 -7.26 25.19 -1.11
C HIS C 150 -6.02 26.04 -1.40
N SER C 151 -4.85 25.56 -0.96
CA SER C 151 -3.60 26.29 -1.16
CA SER C 151 -3.59 26.28 -1.16
C SER C 151 -3.20 26.37 -2.62
N SER C 152 -3.76 25.48 -3.45
CA SER C 152 -3.45 25.44 -4.88
C SER C 152 -4.40 26.24 -5.77
N GLY C 153 -5.31 26.99 -5.15
CA GLY C 153 -6.25 27.78 -5.92
C GLY C 153 -7.66 27.21 -5.93
N GLY C 154 -7.83 26.03 -5.32
CA GLY C 154 -9.15 25.43 -5.27
C GLY C 154 -9.55 24.67 -6.52
N TRP C 155 -10.78 24.14 -6.53
CA TRP C 155 -11.29 23.39 -7.67
C TRP C 155 -11.45 24.31 -8.90
N ALA C 156 -11.58 25.61 -8.66
CA ALA C 156 -11.62 26.59 -9.75
C ALA C 156 -10.34 26.57 -10.57
N GLU C 157 -9.22 26.45 -9.87
CA GLU C 157 -7.94 26.31 -10.52
C GLU C 157 -7.85 25.04 -11.35
N PHE C 158 -8.40 23.95 -10.82
CA PHE C 158 -8.44 22.69 -11.54
C PHE C 158 -9.27 22.83 -12.81
N THR C 159 -10.40 23.50 -12.68
CA THR C 159 -11.33 23.67 -13.79
C THR C 159 -10.61 24.46 -14.90
N ALA C 160 -9.86 25.47 -14.49
CA ALA C 160 -9.13 26.33 -15.43
C ALA C 160 -8.09 25.54 -16.23
N LEU C 161 -7.40 24.63 -15.54
CA LEU C 161 -6.33 23.83 -16.14
C LEU C 161 -6.80 22.62 -16.94
N TYR C 162 -7.80 21.92 -16.41
CA TYR C 162 -8.24 20.67 -17.03
C TYR C 162 -9.48 20.76 -17.91
N GLY C 163 -10.12 21.92 -17.92
CA GLY C 163 -11.40 22.06 -18.59
C GLY C 163 -11.26 22.66 -19.99
N ASP D 20 1.72 -33.57 12.27
CA ASP D 20 2.58 -32.48 11.81
C ASP D 20 2.05 -31.14 12.32
N THR D 21 0.88 -30.76 11.82
CA THR D 21 0.29 -29.48 12.17
C THR D 21 -0.05 -29.44 13.66
N ARG D 22 -0.70 -30.48 14.15
CA ARG D 22 -1.05 -30.57 15.57
C ARG D 22 0.18 -30.41 16.46
N ALA D 23 1.28 -31.04 16.08
CA ALA D 23 2.53 -30.96 16.83
C ALA D 23 3.12 -29.56 16.83
N LEU D 24 3.03 -28.87 15.69
CA LEU D 24 3.51 -27.50 15.57
C LEU D 24 2.74 -26.55 16.51
N VAL D 25 1.41 -26.63 16.44
CA VAL D 25 0.56 -25.81 17.30
C VAL D 25 0.84 -26.08 18.76
N ALA D 26 0.86 -27.36 19.13
CA ALA D 26 1.11 -27.74 20.52
C ALA D 26 2.47 -27.23 21.01
N ASP D 27 3.49 -27.36 20.17
CA ASP D 27 4.82 -26.91 20.54
C ASP D 27 4.88 -25.41 20.76
N PHE D 28 4.30 -24.65 19.83
CA PHE D 28 4.37 -23.19 19.95
C PHE D 28 3.57 -22.66 21.14
N VAL D 29 2.32 -23.12 21.29
CA VAL D 29 1.51 -22.67 22.41
C VAL D 29 2.14 -23.12 23.74
N GLY D 30 2.62 -24.36 23.78
CA GLY D 30 3.23 -24.86 25.01
C GLY D 30 4.45 -24.05 25.39
N TYR D 31 5.22 -23.66 24.38
CA TYR D 31 6.43 -22.86 24.59
C TYR D 31 6.12 -21.47 25.12
N LYS D 32 5.09 -20.84 24.58
CA LYS D 32 4.72 -19.50 25.00
C LYS D 32 4.13 -19.49 26.41
N LEU D 33 3.30 -20.48 26.71
CA LEU D 33 2.72 -20.60 28.06
C LEU D 33 3.81 -20.79 29.12
N ARG D 34 4.85 -21.53 28.77
CA ARG D 34 5.98 -21.75 29.69
C ARG D 34 6.85 -20.48 29.79
N GLN D 35 7.08 -19.87 28.64
CA GLN D 35 7.83 -18.62 28.58
C GLN D 35 7.23 -17.53 29.45
N LYS D 36 5.90 -17.44 29.48
CA LYS D 36 5.20 -16.41 30.24
C LYS D 36 4.96 -16.82 31.69
N GLY D 37 5.40 -18.02 32.05
CA GLY D 37 5.29 -18.50 33.43
C GLY D 37 3.95 -19.10 33.85
N TYR D 38 3.10 -19.42 32.88
CA TYR D 38 1.76 -19.97 33.17
C TYR D 38 1.78 -21.45 33.50
N VAL D 39 2.75 -22.17 32.96
CA VAL D 39 2.79 -23.62 33.16
C VAL D 39 4.24 -24.10 33.30
N CYS D 40 4.40 -25.21 34.01
CA CYS D 40 5.71 -25.79 34.25
CA CYS D 40 5.71 -25.79 34.26
C CYS D 40 5.62 -27.31 34.09
N GLY D 41 6.69 -27.93 33.63
CA GLY D 41 6.75 -29.38 33.54
C GLY D 41 6.44 -30.03 32.22
N ALA D 42 6.15 -31.33 32.28
CA ALA D 42 6.12 -32.18 31.08
C ALA D 42 5.01 -31.83 30.11
N GLY D 43 5.33 -31.82 28.81
CA GLY D 43 4.32 -31.63 27.79
C GLY D 43 4.90 -30.97 26.57
N PRO D 44 4.09 -30.78 25.52
CA PRO D 44 4.58 -30.11 24.31
C PRO D 44 5.08 -28.71 24.61
N GLY D 45 6.20 -28.34 24.00
CA GLY D 45 6.76 -27.01 24.22
C GLY D 45 7.76 -26.98 25.35
N GLU D 46 7.88 -28.10 26.05
CA GLU D 46 8.86 -28.20 27.12
C GLU D 46 10.25 -28.53 26.56
N GLY D 47 11.24 -27.74 26.98
CA GLY D 47 12.61 -27.89 26.52
C GLY D 47 12.81 -27.27 25.15
N PRO D 48 14.06 -27.29 24.64
CA PRO D 48 14.38 -26.64 23.36
C PRO D 48 13.73 -27.34 22.17
N ALA D 49 13.59 -26.61 21.06
CA ALA D 49 12.92 -27.15 19.88
C ALA D 49 13.62 -28.39 19.31
N ALA D 50 12.82 -29.42 19.04
CA ALA D 50 13.30 -30.75 18.65
C ALA D 50 13.46 -30.91 17.14
N ASP D 51 13.32 -29.81 16.39
CA ASP D 51 12.85 -29.87 15.02
C ASP D 51 12.97 -28.44 14.49
N PRO D 52 13.49 -28.30 13.25
CA PRO D 52 13.74 -26.98 12.65
C PRO D 52 12.47 -26.17 12.45
N LEU D 53 11.38 -26.82 12.04
CA LEU D 53 10.11 -26.14 11.89
C LEU D 53 9.67 -25.50 13.20
N HIS D 54 9.76 -26.27 14.27
CA HIS D 54 9.37 -25.77 15.59
C HIS D 54 10.28 -24.63 16.04
N GLN D 55 11.60 -24.76 15.84
CA GLN D 55 12.51 -23.65 16.17
C GLN D 55 12.17 -22.40 15.37
N ALA D 56 11.85 -22.58 14.09
CA ALA D 56 11.52 -21.45 13.23
C ALA D 56 10.31 -20.67 13.74
N MET D 57 9.24 -21.38 14.08
CA MET D 57 8.03 -20.74 14.60
C MET D 57 8.22 -20.08 15.97
N ARG D 58 8.96 -20.75 16.86
CA ARG D 58 9.31 -20.12 18.13
C ARG D 58 10.06 -18.80 17.93
N ALA D 59 11.11 -18.82 17.10
CA ALA D 59 11.89 -17.62 16.86
C ALA D 59 11.04 -16.53 16.20
N ALA D 60 10.21 -16.92 15.24
CA ALA D 60 9.39 -15.95 14.52
C ALA D 60 8.32 -15.32 15.42
N GLY D 61 7.63 -16.17 16.17
CA GLY D 61 6.66 -15.71 17.14
C GLY D 61 7.26 -14.77 18.16
N ASP D 62 8.41 -15.16 18.72
CA ASP D 62 9.12 -14.29 19.67
C ASP D 62 9.45 -12.91 19.08
N GLU D 63 10.04 -12.90 17.88
CA GLU D 63 10.42 -11.62 17.25
C GLU D 63 9.18 -10.80 16.96
N PHE D 64 8.14 -11.46 16.44
CA PHE D 64 6.92 -10.76 16.10
C PHE D 64 6.35 -10.13 17.36
N GLU D 65 6.36 -10.90 18.45
CA GLU D 65 5.76 -10.41 19.68
C GLU D 65 6.54 -9.28 20.39
N THR D 66 7.86 -9.24 20.27
CA THR D 66 8.60 -8.15 20.89
C THR D 66 8.31 -6.83 20.19
N ARG D 67 7.98 -6.90 18.90
CA ARG D 67 7.61 -5.70 18.15
C ARG D 67 6.28 -5.15 18.58
N PHE D 68 5.32 -6.04 18.79
CA PHE D 68 3.96 -5.59 19.02
C PHE D 68 3.64 -5.46 20.50
N ARG D 69 4.61 -5.85 21.34
CA ARG D 69 4.46 -5.76 22.78
C ARG D 69 3.20 -6.49 23.26
N ARG D 70 2.27 -5.74 23.83
CA ARG D 70 1.07 -6.30 24.41
C ARG D 70 -0.12 -6.33 23.44
N THR D 71 0.14 -5.95 22.18
CA THR D 71 -0.92 -5.79 21.19
C THR D 71 -1.88 -6.98 21.09
N PHE D 72 -1.33 -8.19 20.96
CA PHE D 72 -2.18 -9.37 20.78
C PHE D 72 -2.82 -9.87 22.05
N SER D 73 -2.16 -9.63 23.18
CA SER D 73 -2.76 -9.93 24.47
CA SER D 73 -2.77 -9.95 24.47
C SER D 73 -3.91 -8.96 24.74
N ASP D 74 -3.73 -7.72 24.30
CA ASP D 74 -4.78 -6.71 24.45
C ASP D 74 -5.99 -7.05 23.55
N LEU D 75 -5.72 -7.45 22.31
CA LEU D 75 -6.78 -7.89 21.40
C LEU D 75 -7.55 -9.07 21.98
N ALA D 76 -6.82 -10.09 22.45
CA ALA D 76 -7.45 -11.24 23.08
C ALA D 76 -8.41 -10.83 24.19
N ALA D 77 -7.95 -9.92 25.04
CA ALA D 77 -8.77 -9.42 26.15
C ALA D 77 -10.00 -8.66 25.65
N GLN D 78 -9.83 -7.90 24.56
CA GLN D 78 -10.90 -7.10 23.98
C GLN D 78 -12.05 -7.95 23.43
N LEU D 79 -11.78 -9.21 23.14
CA LEU D 79 -12.81 -10.12 22.63
C LEU D 79 -13.86 -10.52 23.66
N HIS D 80 -13.50 -10.47 24.94
CA HIS D 80 -14.40 -10.93 26.02
C HIS D 80 -15.00 -12.30 25.74
N VAL D 81 -14.18 -13.27 25.40
CA VAL D 81 -14.68 -14.58 25.03
C VAL D 81 -15.38 -15.26 26.21
N THR D 82 -16.39 -16.05 25.89
CA THR D 82 -17.01 -16.97 26.84
C THR D 82 -16.87 -18.34 26.20
N PRO D 83 -17.02 -19.42 27.00
CA PRO D 83 -16.97 -20.77 26.43
C PRO D 83 -17.84 -20.94 25.18
N GLY D 84 -18.98 -20.25 25.11
CA GLY D 84 -19.85 -20.32 23.94
C GLY D 84 -19.43 -19.50 22.73
N SER D 85 -18.88 -18.30 22.97
CA SER D 85 -18.50 -17.39 21.88
C SER D 85 -17.08 -17.55 21.36
N ALA D 86 -16.25 -18.30 22.08
CA ALA D 86 -14.81 -18.27 21.85
C ALA D 86 -14.40 -18.75 20.45
N GLN D 87 -15.06 -19.80 19.98
CA GLN D 87 -14.74 -20.31 18.66
C GLN D 87 -15.07 -19.30 17.55
N GLN D 88 -16.22 -18.64 17.68
CA GLN D 88 -16.61 -17.68 16.65
C GLN D 88 -15.66 -16.50 16.68
N ARG D 89 -15.36 -16.02 17.88
CA ARG D 89 -14.46 -14.90 18.04
C ARG D 89 -13.05 -15.24 17.53
N PHE D 90 -12.56 -16.43 17.87
CA PHE D 90 -11.27 -16.90 17.34
C PHE D 90 -11.28 -16.89 15.80
N THR D 91 -12.38 -17.36 15.23
CA THR D 91 -12.49 -17.49 13.79
C THR D 91 -12.54 -16.13 13.11
N GLN D 92 -13.26 -15.20 13.73
CA GLN D 92 -13.35 -13.83 13.21
C GLN D 92 -11.99 -13.14 13.16
N VAL D 93 -11.23 -13.24 14.25
CA VAL D 93 -9.90 -12.67 14.29
C VAL D 93 -9.01 -13.31 13.24
N SER D 94 -9.03 -14.64 13.16
CA SER D 94 -8.21 -15.32 12.18
C SER D 94 -8.52 -14.88 10.73
N ASP D 95 -9.80 -14.75 10.41
CA ASP D 95 -10.23 -14.27 9.10
C ASP D 95 -9.66 -12.87 8.81
N GLU D 96 -9.75 -11.98 9.80
CA GLU D 96 -9.18 -10.63 9.70
C GLU D 96 -7.70 -10.64 9.37
N LEU D 97 -6.95 -11.44 10.11
CA LEU D 97 -5.51 -11.52 9.95
C LEU D 97 -5.11 -11.99 8.55
N PHE D 98 -5.96 -12.78 7.92
CA PHE D 98 -5.69 -13.29 6.59
C PHE D 98 -6.33 -12.51 5.43
N GLN D 99 -6.96 -11.38 5.74
CA GLN D 99 -7.52 -10.51 4.70
C GLN D 99 -6.48 -10.19 3.64
N GLY D 100 -6.90 -10.28 2.38
CA GLY D 100 -6.00 -10.03 1.28
C GLY D 100 -4.95 -11.11 1.14
N GLY D 101 -5.29 -12.31 1.59
CA GLY D 101 -4.48 -13.47 1.29
C GLY D 101 -3.44 -13.77 2.34
N PRO D 102 -3.11 -15.06 2.49
CA PRO D 102 -2.06 -15.42 3.44
C PRO D 102 -0.67 -15.07 2.92
N ASN D 103 0.20 -14.68 3.84
CA ASN D 103 1.63 -14.72 3.63
C ASN D 103 2.25 -15.21 4.93
N TRP D 104 3.53 -15.53 4.91
CA TRP D 104 4.19 -16.11 6.07
C TRP D 104 4.11 -15.23 7.34
N GLY D 105 4.10 -13.92 7.17
CA GLY D 105 4.00 -13.01 8.31
C GLY D 105 2.64 -13.02 8.98
N ARG D 106 1.59 -13.16 8.17
CA ARG D 106 0.24 -13.21 8.72
CA ARG D 106 0.23 -13.22 8.70
C ARG D 106 0.01 -14.56 9.42
N LEU D 107 0.72 -15.58 8.97
CA LEU D 107 0.66 -16.91 9.58
C LEU D 107 1.33 -16.86 10.95
N VAL D 108 2.47 -16.17 11.04
CA VAL D 108 3.12 -15.93 12.33
C VAL D 108 2.22 -15.16 13.29
N ALA D 109 1.57 -14.10 12.80
CA ALA D 109 0.57 -13.36 13.59
C ALA D 109 -0.54 -14.28 14.13
N PHE D 110 -1.01 -15.18 13.28
CA PHE D 110 -2.07 -16.13 13.64
C PHE D 110 -1.60 -17.03 14.81
N PHE D 111 -0.38 -17.51 14.74
CA PHE D 111 0.15 -18.32 15.86
C PHE D 111 0.29 -17.49 17.14
N VAL D 112 0.83 -16.27 16.99
CA VAL D 112 1.00 -15.38 18.13
C VAL D 112 -0.36 -15.06 18.75
N PHE D 113 -1.37 -14.79 17.91
CA PHE D 113 -2.70 -14.52 18.44
C PHE D 113 -3.31 -15.74 19.14
N GLY D 114 -3.14 -16.91 18.55
CA GLY D 114 -3.69 -18.12 19.15
C GLY D 114 -3.13 -18.35 20.54
N ALA D 115 -1.80 -18.21 20.66
CA ALA D 115 -1.13 -18.36 21.94
C ALA D 115 -1.56 -17.27 22.91
N ALA D 116 -1.76 -16.06 22.39
CA ALA D 116 -2.27 -14.96 23.22
C ALA D 116 -3.70 -15.23 23.75
N LEU D 117 -4.53 -15.86 22.94
CA LEU D 117 -5.89 -16.18 23.36
C LEU D 117 -5.84 -17.30 24.41
N CYS D 118 -4.89 -18.23 24.27
CA CYS D 118 -4.76 -19.27 25.29
C CYS D 118 -4.37 -18.65 26.61
N ALA D 119 -3.43 -17.71 26.56
CA ALA D 119 -2.97 -17.03 27.77
C ALA D 119 -4.09 -16.22 28.44
N GLU D 120 -4.91 -15.56 27.63
CA GLU D 120 -6.04 -14.78 28.14
C GLU D 120 -7.06 -15.69 28.81
N SER D 121 -7.26 -16.89 28.23
CA SER D 121 -8.15 -17.88 28.82
C SER D 121 -7.63 -18.37 30.16
N VAL D 122 -6.31 -18.51 30.29
CA VAL D 122 -5.71 -18.81 31.58
C VAL D 122 -6.03 -17.70 32.57
N ASN D 123 -5.86 -16.44 32.14
CA ASN D 123 -6.15 -15.29 32.99
C ASN D 123 -7.60 -15.29 33.53
N LYS D 124 -8.54 -15.68 32.69
CA LYS D 124 -9.96 -15.73 33.05
C LYS D 124 -10.35 -17.09 33.60
N GLU D 125 -9.34 -17.94 33.77
CA GLU D 125 -9.51 -19.28 34.31
C GLU D 125 -10.49 -20.13 33.51
N MET D 126 -10.44 -20.05 32.18
CA MET D 126 -11.15 -21.05 31.40
C MET D 126 -10.11 -21.98 30.83
N GLU D 127 -9.94 -23.10 31.49
CA GLU D 127 -8.81 -23.96 31.19
C GLU D 127 -9.12 -24.82 29.98
N VAL D 128 -10.40 -25.10 29.77
CA VAL D 128 -10.82 -25.88 28.63
C VAL D 128 -10.43 -25.18 27.32
N LEU D 129 -10.41 -23.85 27.34
CA LEU D 129 -10.16 -23.09 26.12
C LEU D 129 -8.70 -23.15 25.73
N VAL D 130 -7.82 -23.29 26.73
CA VAL D 130 -6.40 -23.44 26.45
C VAL D 130 -6.19 -24.59 25.46
N GLY D 131 -6.89 -25.70 25.71
CA GLY D 131 -6.80 -26.83 24.80
C GLY D 131 -7.61 -26.65 23.53
N GLN D 132 -8.82 -26.12 23.66
CA GLN D 132 -9.69 -25.99 22.50
C GLN D 132 -9.21 -24.99 21.47
N VAL D 133 -8.69 -23.86 21.93
CA VAL D 133 -8.11 -22.90 20.99
C VAL D 133 -7.04 -23.59 20.13
N GLN D 134 -6.23 -24.46 20.74
CA GLN D 134 -5.23 -25.21 19.97
C GLN D 134 -5.89 -26.11 18.93
N GLU D 135 -6.97 -26.78 19.32
CA GLU D 135 -7.77 -27.56 18.38
C GLU D 135 -8.26 -26.69 17.23
N TRP D 136 -8.77 -25.51 17.55
CA TRP D 136 -9.33 -24.64 16.52
C TRP D 136 -8.23 -24.10 15.59
N MET D 137 -7.03 -23.92 16.13
CA MET D 137 -5.89 -23.49 15.31
C MET D 137 -5.56 -24.54 14.25
N VAL D 138 -5.46 -25.80 14.67
CA VAL D 138 -5.19 -26.90 13.76
C VAL D 138 -6.25 -27.02 12.66
N ALA D 139 -7.53 -26.94 13.06
CA ALA D 139 -8.63 -27.06 12.11
C ALA D 139 -8.63 -25.91 11.10
N TYR D 140 -8.36 -24.70 11.57
CA TYR D 140 -8.28 -23.53 10.68
C TYR D 140 -7.14 -23.71 9.69
N LEU D 141 -5.98 -24.16 10.18
CA LEU D 141 -4.83 -24.37 9.30
C LEU D 141 -5.15 -25.41 8.24
N GLU D 142 -5.73 -26.51 8.67
CA GLU D 142 -6.00 -27.62 7.77
C GLU D 142 -7.11 -27.32 6.76
N THR D 143 -8.18 -26.65 7.20
CA THR D 143 -9.29 -26.37 6.28
C THR D 143 -9.24 -25.05 5.49
N ARG D 144 -8.38 -24.12 5.90
CA ARG D 144 -8.32 -22.80 5.27
C ARG D 144 -7.01 -22.57 4.54
N LEU D 145 -5.92 -22.63 5.30
CA LEU D 145 -4.61 -22.23 4.82
C LEU D 145 -3.80 -23.37 4.20
N ALA D 146 -4.37 -24.57 4.17
CA ALA D 146 -3.64 -25.74 3.70
C ALA D 146 -3.23 -25.60 2.24
N ASP D 147 -4.14 -25.12 1.41
CA ASP D 147 -3.87 -24.96 -0.02
C ASP D 147 -2.76 -23.93 -0.23
N TRP D 148 -2.90 -22.76 0.39
CA TRP D 148 -1.89 -21.73 0.29
C TRP D 148 -0.50 -22.19 0.75
N ILE D 149 -0.41 -22.79 1.93
CA ILE D 149 0.86 -23.27 2.47
C ILE D 149 1.58 -24.22 1.52
N HIS D 150 0.86 -25.20 1.00
CA HIS D 150 1.44 -26.20 0.10
C HIS D 150 2.02 -25.58 -1.17
N SER D 151 1.26 -24.68 -1.78
CA SER D 151 1.69 -24.04 -3.02
C SER D 151 2.83 -23.05 -2.79
N SER D 152 2.97 -22.60 -1.54
CA SER D 152 3.97 -21.60 -1.18
C SER D 152 5.28 -22.25 -0.79
N GLY D 153 5.34 -23.57 -0.93
CA GLY D 153 6.54 -24.31 -0.62
C GLY D 153 6.46 -25.07 0.69
N GLY D 154 5.28 -25.09 1.30
CA GLY D 154 5.06 -25.85 2.53
C GLY D 154 5.82 -25.30 3.72
N TRP D 155 5.85 -26.06 4.81
CA TRP D 155 6.54 -25.61 6.02
C TRP D 155 8.06 -25.59 5.87
N ALA D 156 8.58 -26.39 4.95
CA ALA D 156 10.01 -26.39 4.66
C ALA D 156 10.47 -25.00 4.18
N GLU D 157 9.60 -24.33 3.43
CA GLU D 157 9.89 -22.99 2.93
C GLU D 157 9.81 -21.95 4.05
N PHE D 158 8.78 -22.08 4.89
CA PHE D 158 8.67 -21.22 6.07
C PHE D 158 9.94 -21.33 6.90
N THR D 159 10.41 -22.56 7.10
CA THR D 159 11.60 -22.82 7.89
C THR D 159 12.83 -22.15 7.27
N ALA D 160 12.92 -22.20 5.95
CA ALA D 160 14.03 -21.58 5.25
C ALA D 160 14.06 -20.08 5.50
N LEU D 161 12.90 -19.44 5.39
CA LEU D 161 12.82 -17.99 5.51
C LEU D 161 12.88 -17.47 6.96
N TYR D 162 12.19 -18.14 7.89
CA TYR D 162 12.15 -17.69 9.28
C TYR D 162 13.09 -18.34 10.29
N GLY D 163 13.81 -19.38 9.85
CA GLY D 163 14.74 -20.08 10.74
C GLY D 163 16.15 -19.52 10.64
#